data_7LLH
#
_entry.id   7LLH
#
_cell.length_a   34.609
_cell.length_b   37.123
_cell.length_c   83.655
_cell.angle_alpha   88.118
_cell.angle_beta   88.375
_cell.angle_gamma   85.479
#
_symmetry.space_group_name_H-M   'P 1'
#
loop_
_entity.id
_entity.type
_entity.pdbx_description
1 polymer 'Carbapenem-hydrolyzing beta-lactamase KPC'
2 non-polymer '(5R)-5-[(1S,2R)-1-formyl-2-hydroxypropyl]-3-[(2-{[(E)-iminomethyl]amino}ethyl)sulfanyl]-4,5-dihydro-1H-pyrrole-2-carbox ylic acid'
3 water water
#
_entity_poly.entity_id   1
_entity_poly.type   'polypeptide(L)'
_entity_poly.pdbx_seq_one_letter_code
;VAEPFAKLEQDFGGSIGVYAMDTGSGATVSYRAEERFPLCSSYKGFLAAAVLARSQQQAGLLDTPIRYGKNALVPWSPIS
EKYLTTGMTVAELSAAAVQYSDNAAANLLLKELGGPAGLTAFMRSIGDTTFRLDRWELELNSAIPGDARDTSSPRAVTES
LQKLTLGSALAAPQRQQFVDWLKGNTTGNHRIRAAVPADWAVGDKTGTCGVYGTANDYAVVWPTGRAPIVLAVYTRAPNK
DDKHSEAVIAAAARLALEGL
;
_entity_poly.pdbx_strand_id   A,B
#
loop_
_chem_comp.id
_chem_comp.type
_chem_comp.name
_chem_comp.formula
IM2 non-polymer '(5R)-5-[(1S,2R)-1-formyl-2-hydroxypropyl]-3-[(2-{[(E)-iminomethyl]amino}ethyl)sulfanyl]-4,5-dihydro-1H-pyrrole-2-carbox ylic acid' 'C12 H19 N3 O4 S'
#
# COMPACT_ATOMS: atom_id res chain seq x y z
N VAL A 1 -9.53 -37.70 30.54
CA VAL A 1 -9.35 -36.35 30.05
C VAL A 1 -9.52 -36.35 28.54
N ALA A 2 -8.62 -37.04 27.83
CA ALA A 2 -8.62 -37.02 26.37
C ALA A 2 -9.90 -37.66 25.83
N GLU A 3 -10.58 -38.45 26.66
CA GLU A 3 -11.72 -39.25 26.19
C GLU A 3 -12.82 -38.39 25.58
N PRO A 4 -13.27 -37.29 26.18
CA PRO A 4 -14.29 -36.44 25.56
C PRO A 4 -13.90 -35.82 24.23
N PHE A 5 -12.61 -35.53 24.02
CA PHE A 5 -12.18 -34.93 22.76
C PHE A 5 -12.16 -35.95 21.62
N ALA A 6 -11.66 -37.15 21.88
CA ALA A 6 -11.69 -38.21 20.88
C ALA A 6 -13.13 -38.44 20.41
N LYS A 7 -14.06 -38.51 21.35
CA LYS A 7 -15.48 -38.58 21.04
C LYS A 7 -15.90 -37.45 20.11
N LEU A 8 -15.50 -36.22 20.44
CA LEU A 8 -15.92 -35.06 19.66
C LEU A 8 -15.32 -35.10 18.26
N GLU A 9 -14.03 -35.41 18.16
CA GLU A 9 -13.39 -35.37 16.85
C GLU A 9 -13.84 -36.53 15.96
N GLN A 10 -14.56 -37.50 16.50
CA GLN A 10 -15.13 -38.55 15.67
C GLN A 10 -16.59 -38.29 15.30
N ASP A 11 -17.29 -37.41 16.03
CA ASP A 11 -18.54 -36.87 15.50
C ASP A 11 -18.26 -35.85 14.40
N PHE A 12 -17.09 -35.21 14.42
CA PHE A 12 -16.73 -34.16 13.45
C PHE A 12 -16.16 -34.74 12.17
N GLY A 13 -15.44 -35.86 12.23
CA GLY A 13 -14.86 -36.46 11.04
C GLY A 13 -13.44 -36.04 10.75
N GLY A 14 -12.74 -35.50 11.72
CA GLY A 14 -11.38 -35.05 11.52
C GLY A 14 -10.68 -34.90 12.85
N SER A 15 -9.60 -34.12 12.85
CA SER A 15 -8.77 -33.96 14.04
C SER A 15 -9.08 -32.65 14.74
N ILE A 16 -9.05 -32.69 16.07
CA ILE A 16 -9.17 -31.52 16.93
C ILE A 16 -7.90 -31.42 17.75
N GLY A 17 -7.31 -30.23 17.77
CA GLY A 17 -6.18 -29.96 18.64
C GLY A 17 -6.53 -28.92 19.66
N VAL A 18 -6.23 -29.17 20.94
CA VAL A 18 -6.66 -28.28 22.02
C VAL A 18 -5.53 -28.15 23.03
N TYR A 19 -5.32 -26.93 23.51
CA TYR A 19 -4.39 -26.69 24.61
C TYR A 19 -4.92 -25.52 25.42
N ALA A 20 -5.03 -25.70 26.73
CA ALA A 20 -5.52 -24.65 27.60
C ALA A 20 -4.60 -24.52 28.80
N MET A 21 -4.43 -23.28 29.29
CA MET A 21 -3.54 -23.05 30.40
C MET A 21 -4.19 -22.10 31.39
N ASP A 22 -4.28 -22.54 32.65
CA ASP A 22 -4.66 -21.69 33.78
C ASP A 22 -3.41 -20.99 34.28
N THR A 23 -3.34 -19.68 34.09
CA THR A 23 -2.13 -18.95 34.47
C THR A 23 -1.95 -18.83 35.97
N GLY A 24 -3.01 -18.98 36.76
CA GLY A 24 -2.87 -18.96 38.19
C GLY A 24 -2.46 -20.32 38.74
N SER A 25 -3.34 -21.30 38.56
CA SER A 25 -3.06 -22.64 39.07
C SER A 25 -1.92 -23.31 38.32
N GLY A 26 -1.76 -23.00 37.03
CA GLY A 26 -0.81 -23.72 36.21
C GLY A 26 -1.35 -24.99 35.60
N ALA A 27 -2.62 -25.32 35.84
CA ALA A 27 -3.22 -26.49 35.24
C ALA A 27 -3.36 -26.32 33.74
N THR A 28 -3.31 -27.44 33.03
CA THR A 28 -3.41 -27.43 31.58
C THR A 28 -4.31 -28.58 31.12
N VAL A 29 -4.87 -28.42 29.92
CA VAL A 29 -5.50 -29.50 29.18
C VAL A 29 -4.81 -29.57 27.83
N SER A 30 -4.44 -30.78 27.40
CA SER A 30 -3.78 -30.99 26.13
C SER A 30 -4.50 -32.09 25.38
N TYR A 31 -4.81 -31.84 24.11
CA TYR A 31 -5.31 -32.90 23.24
C TYR A 31 -4.80 -32.61 21.84
N ARG A 32 -3.93 -33.49 21.33
CA ARG A 32 -3.18 -33.27 20.09
C ARG A 32 -2.50 -31.91 20.11
N ALA A 33 -2.10 -31.46 21.30
CA ALA A 33 -1.62 -30.11 21.48
C ALA A 33 -0.27 -29.87 20.81
N GLU A 34 0.43 -30.90 20.38
CA GLU A 34 1.73 -30.74 19.76
C GLU A 34 1.72 -31.01 18.28
N GLU A 35 0.57 -31.43 17.74
CA GLU A 35 0.44 -31.64 16.30
C GLU A 35 0.35 -30.31 15.57
N ARG A 36 0.76 -30.32 14.30
CA ARG A 36 0.66 -29.14 13.46
C ARG A 36 -0.75 -29.04 12.87
N PHE A 37 -1.27 -27.82 12.79
CA PHE A 37 -2.52 -27.47 12.15
C PHE A 37 -2.32 -26.20 11.33
N PRO A 38 -3.06 -26.03 10.24
CA PRO A 38 -2.95 -24.77 9.49
C PRO A 38 -3.42 -23.58 10.31
N LEU A 39 -2.63 -22.50 10.26
CA LEU A 39 -2.97 -21.29 11.00
C LEU A 39 -4.23 -20.63 10.45
N CYS A 40 -4.40 -20.67 9.13
CA CYS A 40 -5.42 -19.85 8.45
C CYS A 40 -5.26 -18.40 8.91
N SER A 41 -6.37 -17.69 9.13
CA SER A 41 -6.30 -16.29 9.50
C SER A 41 -5.76 -16.05 10.91
N SER A 42 -5.57 -17.10 11.73
CA SER A 42 -5.22 -16.88 13.12
C SER A 42 -3.82 -16.30 13.31
N TYR A 43 -2.93 -16.44 12.33
CA TYR A 43 -1.63 -15.78 12.44
C TYR A 43 -1.78 -14.26 12.55
N LYS A 44 -2.93 -13.70 12.15
CA LYS A 44 -3.09 -12.25 12.09
C LYS A 44 -3.02 -11.60 13.47
N GLY A 45 -3.40 -12.34 14.52
CA GLY A 45 -3.15 -11.85 15.87
C GLY A 45 -1.68 -11.65 16.15
N PHE A 46 -0.86 -12.64 15.81
CA PHE A 46 0.57 -12.52 16.07
C PHE A 46 1.21 -11.48 15.15
N LEU A 47 0.68 -11.33 13.94
CA LEU A 47 1.10 -10.23 13.07
C LEU A 47 0.94 -8.89 13.77
N ALA A 48 -0.24 -8.60 14.30
CA ALA A 48 -0.45 -7.36 15.03
C ALA A 48 0.52 -7.24 16.20
N ALA A 49 0.74 -8.34 16.93
CA ALA A 49 1.70 -8.33 18.02
C ALA A 49 3.09 -7.97 17.51
N ALA A 50 3.51 -8.57 16.39
CA ALA A 50 4.83 -8.29 15.85
C ALA A 50 4.96 -6.83 15.45
N VAL A 51 3.90 -6.26 14.89
CA VAL A 51 3.89 -4.84 14.53
C VAL A 51 4.01 -3.98 15.78
N LEU A 52 3.29 -4.35 16.84
CA LEU A 52 3.40 -3.63 18.10
C LEU A 52 4.80 -3.71 18.67
N ALA A 53 5.41 -4.91 18.63
CA ALA A 53 6.76 -5.07 19.13
C ALA A 53 7.74 -4.18 18.36
N ARG A 54 7.56 -4.11 17.04
CA ARG A 54 8.45 -3.27 16.23
C ARG A 54 8.23 -1.78 16.51
N SER A 55 7.02 -1.37 16.87
CA SER A 55 6.79 0.03 17.19
C SER A 55 7.50 0.44 18.48
N GLN A 56 7.88 -0.53 19.32
CA GLN A 56 8.69 -0.22 20.50
C GLN A 56 10.07 0.30 20.11
N GLN A 57 10.58 -0.14 18.95
CA GLN A 57 11.89 0.24 18.47
C GLN A 57 11.82 1.35 17.43
N GLN A 58 10.63 1.62 16.90
CA GLN A 58 10.43 2.49 15.74
C GLN A 58 9.27 3.43 16.05
N ALA A 59 9.54 4.46 16.84
CA ALA A 59 8.49 5.39 17.27
C ALA A 59 7.74 5.94 16.07
N GLY A 60 6.43 6.13 16.25
CA GLY A 60 5.60 6.59 15.16
C GLY A 60 5.28 5.57 14.10
N LEU A 61 5.72 4.31 14.26
CA LEU A 61 5.35 3.29 13.28
C LEU A 61 3.85 3.12 13.20
N LEU A 62 3.17 3.11 14.35
CA LEU A 62 1.74 2.83 14.39
C LEU A 62 0.94 3.89 13.64
N ASP A 63 1.35 5.14 13.73
CA ASP A 63 0.68 6.23 13.05
C ASP A 63 1.12 6.38 11.60
N THR A 64 2.03 5.54 11.11
CA THR A 64 2.53 5.69 9.74
C THR A 64 1.40 5.40 8.77
N PRO A 65 1.05 6.33 7.87
CA PRO A 65 0.00 6.03 6.90
C PRO A 65 0.53 5.15 5.78
N ILE A 66 -0.26 4.17 5.39
CA ILE A 66 0.06 3.29 4.28
C ILE A 66 -0.96 3.55 3.19
N ARG A 67 -0.51 4.14 2.09
CA ARG A 67 -1.36 4.48 0.96
C ARG A 67 -1.14 3.45 -0.14
N TYR A 68 -2.17 2.68 -0.44
CA TYR A 68 -2.04 1.52 -1.31
C TYR A 68 -2.89 1.70 -2.56
N GLY A 69 -2.50 1.00 -3.62
CA GLY A 69 -3.30 0.98 -4.83
C GLY A 69 -4.34 -0.12 -4.81
N LYS A 70 -5.18 -0.10 -5.84
CA LYS A 70 -6.20 -1.13 -5.99
C LYS A 70 -5.58 -2.52 -6.07
N ASN A 71 -4.29 -2.58 -6.42
CA ASN A 71 -3.57 -3.83 -6.58
C ASN A 71 -3.37 -4.56 -5.25
N ALA A 72 -3.26 -3.81 -4.16
CA ALA A 72 -3.07 -4.38 -2.84
C ALA A 72 -4.30 -5.14 -2.34
N LEU A 73 -5.46 -4.95 -2.97
CA LEU A 73 -6.68 -5.55 -2.49
C LEU A 73 -6.74 -7.03 -2.89
N VAL A 74 -7.10 -7.88 -1.95
CA VAL A 74 -7.30 -9.29 -2.20
C VAL A 74 -8.68 -9.66 -1.64
N PRO A 75 -9.24 -10.81 -1.99
CA PRO A 75 -10.56 -11.17 -1.46
C PRO A 75 -10.62 -11.09 0.06
N TRP A 76 -11.79 -10.73 0.58
CA TRP A 76 -12.03 -10.58 2.02
C TRP A 76 -11.15 -9.49 2.64
N SER A 77 -11.31 -8.26 2.13
CA SER A 77 -10.63 -7.08 2.66
C SER A 77 -11.66 -5.98 2.93
N PRO A 78 -12.65 -6.26 3.80
CA PRO A 78 -13.79 -5.34 3.89
C PRO A 78 -13.43 -3.96 4.44
N ILE A 79 -12.42 -3.86 5.29
CA ILE A 79 -12.01 -2.57 5.82
C ILE A 79 -11.06 -1.88 4.86
N SER A 80 -10.01 -2.61 4.45
CA SER A 80 -9.03 -2.11 3.49
C SER A 80 -9.68 -1.54 2.24
N GLU A 81 -10.71 -2.21 1.73
CA GLU A 81 -11.36 -1.76 0.50
C GLU A 81 -12.01 -0.39 0.68
N LYS A 82 -12.58 -0.14 1.86
CA LYS A 82 -13.29 1.12 2.11
C LYS A 82 -12.36 2.34 2.13
N TYR A 83 -11.06 2.17 2.41
CA TYR A 83 -10.14 3.28 2.55
C TYR A 83 -9.14 3.34 1.40
N LEU A 84 -9.49 2.76 0.25
CA LEU A 84 -8.58 2.79 -0.88
C LEU A 84 -8.23 4.21 -1.31
N THR A 85 -9.15 5.16 -1.11
CA THR A 85 -8.93 6.52 -1.57
C THR A 85 -8.18 7.39 -0.58
N THR A 86 -7.90 6.90 0.63
CA THR A 86 -7.18 7.69 1.63
C THR A 86 -6.03 6.95 2.30
N GLY A 87 -6.04 5.62 2.31
CA GLY A 87 -5.04 4.90 3.05
C GLY A 87 -5.44 4.69 4.49
N MET A 88 -4.59 3.96 5.20
CA MET A 88 -4.83 3.61 6.59
C MET A 88 -3.49 3.61 7.32
N THR A 89 -3.51 3.96 8.60
CA THR A 89 -2.27 3.85 9.34
C THR A 89 -2.00 2.39 9.68
N VAL A 90 -0.75 2.15 10.10
CA VAL A 90 -0.35 0.81 10.50
C VAL A 90 -1.23 0.30 11.64
N ALA A 91 -1.53 1.17 12.61
CA ALA A 91 -2.41 0.78 13.71
C ALA A 91 -3.79 0.40 13.21
N GLU A 92 -4.35 1.16 12.26
CA GLU A 92 -5.67 0.85 11.71
C GLU A 92 -5.67 -0.45 10.93
N LEU A 93 -4.62 -0.68 10.14
CA LEU A 93 -4.47 -1.95 9.44
C LEU A 93 -4.37 -3.11 10.43
N SER A 94 -3.67 -2.90 11.54
CA SER A 94 -3.52 -3.96 12.53
C SER A 94 -4.86 -4.31 13.17
N ALA A 95 -5.62 -3.30 13.59
CA ALA A 95 -6.95 -3.57 14.14
C ALA A 95 -7.83 -4.26 13.11
N ALA A 96 -7.74 -3.85 11.85
CA ALA A 96 -8.52 -4.48 10.79
C ALA A 96 -8.09 -5.93 10.59
N ALA A 97 -6.78 -6.19 10.59
CA ALA A 97 -6.31 -7.56 10.44
C ALA A 97 -6.83 -8.44 11.57
N VAL A 98 -6.80 -7.93 12.80
CA VAL A 98 -7.21 -8.72 13.95
C VAL A 98 -8.73 -8.88 13.99
N GLN A 99 -9.46 -7.78 13.89
CA GLN A 99 -10.87 -7.81 14.27
C GLN A 99 -11.80 -8.15 13.11
N TYR A 100 -11.34 -8.03 11.87
CA TYR A 100 -12.13 -8.40 10.72
C TYR A 100 -11.43 -9.40 9.82
N SER A 101 -10.23 -9.84 10.19
CA SER A 101 -9.42 -10.75 9.38
C SER A 101 -9.12 -10.17 7.99
N ASP A 102 -8.96 -8.86 7.91
CA ASP A 102 -8.78 -8.17 6.63
C ASP A 102 -7.50 -8.65 5.95
N ASN A 103 -7.63 -9.23 4.76
CA ASN A 103 -6.49 -9.86 4.11
C ASN A 103 -5.52 -8.84 3.50
N ALA A 104 -6.04 -7.80 2.83
CA ALA A 104 -5.15 -6.78 2.28
C ALA A 104 -4.35 -6.11 3.39
N ALA A 105 -5.01 -5.81 4.52
CA ALA A 105 -4.28 -5.25 5.65
C ALA A 105 -3.17 -6.17 6.12
N ALA A 106 -3.45 -7.48 6.20
CA ALA A 106 -2.43 -8.42 6.65
C ALA A 106 -1.23 -8.45 5.71
N ASN A 107 -1.49 -8.50 4.40
CA ASN A 107 -0.40 -8.50 3.43
C ASN A 107 0.42 -7.21 3.55
N LEU A 108 -0.26 -6.07 3.72
CA LEU A 108 0.45 -4.80 3.93
C LEU A 108 1.33 -4.86 5.16
N LEU A 109 0.81 -5.41 6.26
CA LEU A 109 1.61 -5.50 7.47
C LEU A 109 2.73 -6.52 7.32
N LEU A 110 2.45 -7.64 6.64
CA LEU A 110 3.51 -8.62 6.39
C LEU A 110 4.68 -7.96 5.66
N LYS A 111 4.36 -7.18 4.64
CA LYS A 111 5.35 -6.39 3.91
C LYS A 111 6.17 -5.51 4.87
N GLU A 112 5.49 -4.81 5.80
CA GLU A 112 6.20 -4.01 6.79
C GLU A 112 7.21 -4.84 7.56
N LEU A 113 6.90 -6.10 7.80
CA LEU A 113 7.76 -6.96 8.61
C LEU A 113 8.77 -7.74 7.79
N GLY A 114 8.77 -7.59 6.47
CA GLY A 114 9.65 -8.38 5.64
C GLY A 114 9.03 -9.68 5.19
N GLY A 115 7.72 -9.71 4.99
CA GLY A 115 7.04 -10.89 4.51
C GLY A 115 6.83 -11.95 5.57
N PRO A 116 6.35 -13.12 5.15
CA PRO A 116 6.11 -14.22 6.11
C PRO A 116 7.33 -14.61 6.90
N ALA A 117 8.53 -14.50 6.32
CA ALA A 117 9.74 -14.80 7.08
C ALA A 117 9.93 -13.79 8.22
N GLY A 118 9.55 -12.53 7.99
CA GLY A 118 9.66 -11.53 9.05
C GLY A 118 8.77 -11.84 10.24
N LEU A 119 7.54 -12.28 9.98
CA LEU A 119 6.66 -12.67 11.08
C LEU A 119 7.20 -13.91 11.79
N THR A 120 7.70 -14.89 11.05
CA THR A 120 8.28 -16.06 11.70
C THR A 120 9.49 -15.66 12.54
N ALA A 121 10.31 -14.74 12.04
CA ALA A 121 11.42 -14.24 12.84
C ALA A 121 10.95 -13.60 14.14
N PHE A 122 9.80 -12.92 14.13
CA PHE A 122 9.29 -12.36 15.37
C PHE A 122 8.87 -13.46 16.34
N MET A 123 8.19 -14.49 15.83
CA MET A 123 7.75 -15.56 16.70
C MET A 123 8.95 -16.28 17.30
N ARG A 124 10.05 -16.42 16.54
CA ARG A 124 11.27 -16.96 17.12
C ARG A 124 11.82 -16.05 18.22
N SER A 125 11.74 -14.72 18.01
CA SER A 125 12.30 -13.78 18.99
C SER A 125 11.67 -13.95 20.37
N ILE A 126 10.42 -14.41 20.44
CA ILE A 126 9.78 -14.64 21.73
C ILE A 126 9.83 -16.10 22.13
N GLY A 127 10.66 -16.90 21.47
CA GLY A 127 10.90 -18.27 21.87
C GLY A 127 9.96 -19.30 21.29
N ASP A 128 9.16 -18.94 20.29
CA ASP A 128 8.26 -19.86 19.61
C ASP A 128 9.02 -20.52 18.45
N THR A 129 9.36 -21.79 18.61
CA THR A 129 10.07 -22.51 17.56
C THR A 129 9.16 -23.36 16.68
N THR A 130 7.86 -23.40 16.97
CA THR A 130 6.92 -24.20 16.19
C THR A 130 6.30 -23.40 15.06
N PHE A 131 5.87 -22.17 15.36
CA PHE A 131 5.21 -21.31 14.38
C PHE A 131 6.03 -21.19 13.12
N ARG A 132 5.37 -21.30 11.98
CA ARG A 132 5.98 -20.93 10.72
C ARG A 132 4.93 -20.32 9.82
N LEU A 133 5.18 -19.11 9.33
CA LEU A 133 4.44 -18.55 8.22
C LEU A 133 5.36 -18.53 7.01
N ASP A 134 4.88 -19.08 5.92
CA ASP A 134 5.69 -19.24 4.72
C ASP A 134 5.15 -18.46 3.53
N ARG A 135 3.84 -18.28 3.45
CA ARG A 135 3.22 -17.67 2.29
C ARG A 135 2.34 -16.49 2.71
N TRP A 136 1.84 -15.80 1.70
CA TRP A 136 1.03 -14.60 1.83
C TRP A 136 -0.45 -14.96 1.72
N GLU A 137 -1.31 -13.98 1.99
CA GLU A 137 -2.70 -14.15 1.61
C GLU A 137 -2.79 -14.12 0.09
N LEU A 138 -3.54 -15.06 -0.50
CA LEU A 138 -4.38 -16.04 0.19
C LEU A 138 -3.82 -17.47 0.19
N GLU A 139 -2.63 -17.67 -0.41
CA GLU A 139 -2.11 -19.03 -0.60
C GLU A 139 -1.86 -19.73 0.73
N LEU A 140 -1.58 -18.99 1.80
CA LEU A 140 -1.31 -19.61 3.09
C LEU A 140 -2.50 -20.40 3.62
N ASN A 141 -3.69 -20.23 3.03
CA ASN A 141 -4.90 -20.89 3.49
C ASN A 141 -5.18 -22.23 2.82
N SER A 142 -4.21 -22.76 2.07
CA SER A 142 -4.48 -23.94 1.26
C SER A 142 -4.70 -25.19 2.11
N ALA A 143 -4.02 -25.31 3.26
CA ALA A 143 -4.35 -26.30 4.29
C ALA A 143 -4.25 -27.74 3.79
N ILE A 144 -3.28 -28.01 2.92
CA ILE A 144 -3.18 -29.32 2.29
C ILE A 144 -2.54 -30.30 3.27
N PRO A 145 -3.11 -31.51 3.43
CA PRO A 145 -2.54 -32.48 4.37
C PRO A 145 -1.07 -32.75 4.10
N GLY A 146 -0.30 -32.85 5.19
CA GLY A 146 1.12 -33.08 5.10
C GLY A 146 1.96 -31.83 4.98
N ASP A 147 1.38 -30.74 4.46
CA ASP A 147 2.10 -29.48 4.33
C ASP A 147 2.35 -28.90 5.71
N ALA A 148 3.61 -28.73 6.05
CA ALA A 148 3.99 -28.06 7.29
C ALA A 148 3.97 -26.54 7.16
N ARG A 149 3.87 -26.01 5.94
CA ARG A 149 3.91 -24.56 5.77
C ARG A 149 2.70 -23.92 6.43
N ASP A 150 2.92 -22.73 7.00
CA ASP A 150 1.83 -21.92 7.54
C ASP A 150 1.06 -22.68 8.62
N THR A 151 1.81 -23.30 9.54
CA THR A 151 1.23 -24.09 10.60
C THR A 151 1.84 -23.69 11.94
N SER A 152 1.16 -24.10 13.00
CA SER A 152 1.73 -24.14 14.35
C SER A 152 0.99 -25.23 15.11
N SER A 153 1.26 -25.32 16.41
CA SER A 153 0.58 -26.29 17.25
C SER A 153 -0.29 -25.56 18.26
N PRO A 154 -1.37 -26.20 18.75
CA PRO A 154 -2.17 -25.55 19.80
C PRO A 154 -1.33 -25.10 20.99
N ARG A 155 -0.36 -25.90 21.43
CA ARG A 155 0.45 -25.53 22.59
C ARG A 155 1.33 -24.33 22.30
N ALA A 156 2.00 -24.32 21.14
CA ALA A 156 2.85 -23.18 20.78
C ALA A 156 2.02 -21.90 20.62
N VAL A 157 0.85 -22.01 19.98
CA VAL A 157 -0.04 -20.85 19.86
C VAL A 157 -0.43 -20.34 21.25
N THR A 158 -0.76 -21.25 22.18
CA THR A 158 -1.17 -20.83 23.51
C THR A 158 -0.04 -20.15 24.27
N GLU A 159 1.16 -20.75 24.23
CA GLU A 159 2.29 -20.18 24.95
C GLU A 159 2.68 -18.82 24.41
N SER A 160 2.68 -18.66 23.08
CA SER A 160 2.99 -17.36 22.51
C SER A 160 1.91 -16.33 22.85
N LEU A 161 0.64 -16.73 22.79
CA LEU A 161 -0.42 -15.80 23.17
C LEU A 161 -0.28 -15.39 24.63
N GLN A 162 0.05 -16.35 25.49
CA GLN A 162 0.31 -16.05 26.89
C GLN A 162 1.42 -15.04 27.05
N LYS A 163 2.58 -15.29 26.42
CA LYS A 163 3.71 -14.37 26.53
C LYS A 163 3.34 -12.98 26.05
N LEU A 164 2.49 -12.87 25.03
CA LEU A 164 2.18 -11.59 24.43
C LEU A 164 1.05 -10.84 25.13
N THR A 165 0.06 -11.54 25.68
CA THR A 165 -1.06 -10.86 26.31
C THR A 165 -0.88 -10.66 27.81
N LEU A 166 -0.10 -11.52 28.45
CA LEU A 166 0.07 -11.48 29.89
C LEU A 166 1.52 -11.35 30.33
N GLY A 167 2.48 -11.76 29.50
CA GLY A 167 3.87 -11.80 29.90
C GLY A 167 4.61 -10.52 29.54
N SER A 168 5.92 -10.64 29.42
CA SER A 168 6.80 -9.50 29.23
C SER A 168 7.20 -9.26 27.77
N ALA A 169 6.77 -10.11 26.84
CA ALA A 169 7.22 -9.99 25.46
C ALA A 169 6.91 -8.61 24.87
N LEU A 170 5.72 -8.08 25.13
CA LEU A 170 5.37 -6.73 24.74
C LEU A 170 5.57 -5.78 25.92
N ALA A 171 6.01 -4.56 25.63
CA ALA A 171 6.03 -3.54 26.66
C ALA A 171 4.60 -3.23 27.10
N ALA A 172 4.48 -2.62 28.28
CA ALA A 172 3.19 -2.47 28.92
C ALA A 172 2.13 -1.80 28.04
N PRO A 173 2.40 -0.68 27.37
CA PRO A 173 1.32 -0.08 26.56
C PRO A 173 1.00 -0.90 25.31
N GLN A 174 2.01 -1.41 24.61
CA GLN A 174 1.74 -2.27 23.46
C GLN A 174 0.99 -3.52 23.90
N ARG A 175 1.34 -4.09 25.06
CA ARG A 175 0.64 -5.27 25.55
C ARG A 175 -0.85 -5.00 25.73
N GLN A 176 -1.21 -3.84 26.28
CA GLN A 176 -2.63 -3.54 26.46
C GLN A 176 -3.31 -3.25 25.13
N GLN A 177 -2.59 -2.67 24.17
CA GLN A 177 -3.16 -2.47 22.84
C GLN A 177 -3.46 -3.82 22.19
N PHE A 178 -2.53 -4.77 22.30
CA PHE A 178 -2.77 -6.10 21.76
C PHE A 178 -4.02 -6.73 22.37
N VAL A 179 -4.12 -6.69 23.70
CA VAL A 179 -5.30 -7.25 24.37
C VAL A 179 -6.56 -6.56 23.90
N ASP A 180 -6.53 -5.22 23.80
CA ASP A 180 -7.72 -4.47 23.38
C ASP A 180 -8.18 -4.89 21.99
N TRP A 181 -7.24 -5.11 21.07
CA TRP A 181 -7.61 -5.55 19.73
C TRP A 181 -8.26 -6.94 19.77
N LEU A 182 -7.71 -7.86 20.55
CA LEU A 182 -8.31 -9.19 20.65
C LEU A 182 -9.70 -9.12 21.28
N LYS A 183 -9.86 -8.26 22.29
CA LYS A 183 -11.15 -8.15 22.95
C LYS A 183 -12.21 -7.61 21.99
N GLY A 184 -11.81 -6.72 21.08
CA GLY A 184 -12.73 -6.18 20.08
C GLY A 184 -12.88 -7.01 18.82
N ASN A 185 -12.51 -8.29 18.85
CA ASN A 185 -12.67 -9.12 17.66
C ASN A 185 -14.14 -9.34 17.33
N THR A 186 -14.48 -9.24 16.04
CA THR A 186 -15.87 -9.34 15.60
C THR A 186 -16.25 -10.71 15.04
N THR A 187 -15.28 -11.61 14.80
CA THR A 187 -15.55 -12.85 14.06
C THR A 187 -15.65 -14.10 14.93
N GLY A 188 -15.49 -14.01 16.24
CA GLY A 188 -15.40 -15.23 17.02
C GLY A 188 -16.51 -15.53 18.00
N ASN A 189 -17.68 -14.92 17.82
CA ASN A 189 -18.73 -15.07 18.82
C ASN A 189 -19.22 -16.52 18.93
N HIS A 190 -19.12 -17.30 17.85
CA HIS A 190 -19.63 -18.66 17.88
C HIS A 190 -18.55 -19.69 18.18
N ARG A 191 -17.36 -19.27 18.59
CA ARG A 191 -16.30 -20.24 18.83
C ARG A 191 -15.97 -20.20 20.32
N ILE A 192 -14.74 -19.84 20.72
CA ILE A 192 -14.40 -19.93 22.14
C ILE A 192 -15.32 -19.06 22.99
N ARG A 193 -15.69 -17.87 22.49
CA ARG A 193 -16.57 -16.99 23.26
C ARG A 193 -17.86 -17.70 23.65
N ALA A 194 -18.37 -18.57 22.76
CA ALA A 194 -19.62 -19.27 23.03
C ALA A 194 -19.52 -20.24 24.20
N ALA A 195 -18.30 -20.55 24.66
CA ALA A 195 -18.12 -21.50 25.74
C ALA A 195 -17.91 -20.85 27.10
N VAL A 196 -17.81 -19.53 27.17
CA VAL A 196 -17.59 -18.86 28.45
C VAL A 196 -18.86 -18.11 28.84
N PRO A 197 -19.09 -17.90 30.13
CA PRO A 197 -20.17 -17.01 30.55
C PRO A 197 -19.97 -15.60 29.98
N ALA A 198 -21.09 -14.95 29.65
CA ALA A 198 -21.02 -13.65 29.00
C ALA A 198 -20.40 -12.58 29.90
N ASP A 199 -20.36 -12.81 31.21
CA ASP A 199 -19.75 -11.86 32.14
C ASP A 199 -18.23 -11.96 32.18
N TRP A 200 -17.65 -12.94 31.50
CA TRP A 200 -16.19 -13.03 31.42
C TRP A 200 -15.71 -12.33 30.16
N ALA A 201 -14.64 -11.55 30.31
CA ALA A 201 -14.03 -10.89 29.17
C ALA A 201 -13.23 -11.90 28.36
N VAL A 202 -13.35 -11.79 27.04
CA VAL A 202 -12.65 -12.69 26.12
C VAL A 202 -12.05 -11.86 24.99
N GLY A 203 -10.80 -12.13 24.66
CA GLY A 203 -10.21 -11.68 23.43
C GLY A 203 -9.80 -12.89 22.63
N ASP A 204 -10.03 -12.84 21.31
CA ASP A 204 -9.78 -14.03 20.49
C ASP A 204 -9.40 -13.62 19.08
N LYS A 205 -8.80 -14.56 18.36
CA LYS A 205 -8.57 -14.42 16.92
C LYS A 205 -8.94 -15.74 16.25
N THR A 206 -9.81 -15.66 15.26
CA THR A 206 -10.30 -16.85 14.57
C THR A 206 -9.44 -17.15 13.34
N GLY A 207 -9.67 -18.34 12.78
CA GLY A 207 -9.13 -18.71 11.50
C GLY A 207 -10.08 -19.66 10.80
N THR A 208 -10.27 -19.49 9.50
CA THR A 208 -11.19 -20.34 8.74
C THR A 208 -10.59 -20.51 7.33
N CYS A 209 -9.92 -21.63 7.09
CA CYS A 209 -9.25 -21.78 5.79
C CYS A 209 -10.26 -21.93 4.66
N GLY A 210 -11.44 -22.49 4.95
CA GLY A 210 -12.45 -22.70 3.93
C GLY A 210 -12.38 -24.04 3.23
N VAL A 211 -11.31 -24.79 3.46
CA VAL A 211 -11.14 -26.12 2.89
C VAL A 211 -10.67 -27.06 3.98
N TYR A 212 -10.78 -28.36 3.70
CA TYR A 212 -10.22 -29.41 4.57
C TYR A 212 -10.69 -29.25 6.02
N GLY A 213 -11.94 -28.83 6.17
CA GLY A 213 -12.53 -28.68 7.50
C GLY A 213 -11.64 -27.98 8.49
N THR A 214 -10.88 -26.99 8.03
CA THR A 214 -9.78 -26.41 8.81
C THR A 214 -10.21 -25.03 9.32
N ALA A 215 -10.34 -24.92 10.63
CA ALA A 215 -10.76 -23.68 11.28
C ALA A 215 -10.27 -23.73 12.71
N ASN A 216 -10.19 -22.56 13.33
CA ASN A 216 -9.57 -22.52 14.65
C ASN A 216 -9.96 -21.24 15.38
N ASP A 217 -9.49 -21.14 16.61
CA ASP A 217 -9.73 -19.99 17.47
C ASP A 217 -8.77 -20.10 18.64
N TYR A 218 -8.13 -18.98 19.01
CA TYR A 218 -7.39 -18.92 20.27
C TYR A 218 -7.87 -17.71 21.04
N ALA A 219 -7.71 -17.76 22.36
CA ALA A 219 -8.32 -16.72 23.18
C ALA A 219 -7.58 -16.59 24.51
N VAL A 220 -7.67 -15.38 25.07
CA VAL A 220 -7.42 -15.14 26.48
C VAL A 220 -8.76 -14.87 27.14
N VAL A 221 -9.00 -15.52 28.27
CA VAL A 221 -10.25 -15.39 29.02
C VAL A 221 -9.91 -14.85 30.41
N TRP A 222 -10.72 -13.89 30.88
CA TRP A 222 -10.64 -13.41 32.26
C TRP A 222 -11.89 -13.85 33.00
N PRO A 223 -11.87 -14.95 33.74
CA PRO A 223 -12.99 -15.25 34.63
C PRO A 223 -13.07 -14.18 35.70
N THR A 224 -14.30 -13.83 36.11
CA THR A 224 -14.51 -12.76 37.08
C THR A 224 -13.70 -13.00 38.34
N GLY A 225 -12.83 -12.04 38.67
CA GLY A 225 -12.00 -12.11 39.86
C GLY A 225 -11.12 -13.34 39.92
N ARG A 226 -10.47 -13.68 38.80
CA ARG A 226 -9.79 -14.95 38.68
C ARG A 226 -8.56 -14.76 37.79
N ALA A 227 -7.64 -15.71 37.88
CA ALA A 227 -6.47 -15.68 37.01
C ALA A 227 -6.89 -15.95 35.57
N PRO A 228 -6.27 -15.30 34.59
CA PRO A 228 -6.72 -15.47 33.20
C PRO A 228 -6.39 -16.84 32.64
N ILE A 229 -7.28 -17.32 31.77
CA ILE A 229 -7.10 -18.58 31.07
C ILE A 229 -6.70 -18.29 29.64
N VAL A 230 -5.79 -19.09 29.10
CA VAL A 230 -5.33 -18.97 27.72
C VAL A 230 -5.54 -20.31 27.03
N LEU A 231 -6.13 -20.30 25.85
CA LEU A 231 -6.43 -21.57 25.18
C LEU A 231 -6.48 -21.40 23.67
N ALA A 232 -6.32 -22.53 22.98
CA ALA A 232 -6.34 -22.58 21.52
C ALA A 232 -7.04 -23.86 21.09
N VAL A 233 -7.94 -23.74 20.12
CA VAL A 233 -8.66 -24.89 19.56
C VAL A 233 -8.46 -24.85 18.04
N TYR A 234 -7.84 -25.90 17.50
CA TYR A 234 -7.58 -26.00 16.06
C TYR A 234 -8.18 -27.28 15.51
N THR A 235 -8.69 -27.23 14.27
CA THR A 235 -9.31 -28.39 13.63
C THR A 235 -8.81 -28.55 12.20
N ARG A 236 -8.89 -29.77 11.71
CA ARG A 236 -8.66 -30.09 10.30
C ARG A 236 -9.38 -31.40 9.98
N ALA A 237 -9.46 -31.71 8.68
CA ALA A 237 -10.24 -32.85 8.24
C ALA A 237 -9.62 -33.39 6.95
N PRO A 238 -9.80 -34.67 6.65
CA PRO A 238 -9.02 -35.27 5.55
C PRO A 238 -9.50 -34.89 4.15
N ASN A 239 -10.77 -34.50 3.97
CA ASN A 239 -11.30 -34.25 2.64
C ASN A 239 -11.40 -32.75 2.39
N LYS A 240 -11.04 -32.32 1.18
CA LYS A 240 -11.00 -30.88 0.89
C LYS A 240 -12.37 -30.24 1.08
N ASP A 241 -13.43 -30.97 0.78
CA ASP A 241 -14.78 -30.44 0.91
C ASP A 241 -15.40 -30.70 2.28
N ASP A 242 -14.68 -31.34 3.20
CA ASP A 242 -15.15 -31.46 4.58
C ASP A 242 -15.42 -30.08 5.15
N LYS A 243 -16.56 -29.92 5.82
CA LYS A 243 -16.92 -28.63 6.39
C LYS A 243 -16.32 -28.47 7.77
N HIS A 244 -15.77 -27.28 8.03
CA HIS A 244 -15.42 -26.91 9.38
C HIS A 244 -16.69 -26.71 10.21
N SER A 245 -16.54 -26.62 11.52
CA SER A 245 -17.70 -26.48 12.41
C SER A 245 -17.34 -25.55 13.55
N GLU A 246 -18.01 -24.39 13.59
CA GLU A 246 -17.84 -23.50 14.73
C GLU A 246 -18.34 -24.16 16.00
N ALA A 247 -19.43 -24.94 15.89
CA ALA A 247 -19.96 -25.63 17.06
C ALA A 247 -18.93 -26.58 17.66
N VAL A 248 -18.21 -27.32 16.81
CA VAL A 248 -17.18 -28.23 17.29
C VAL A 248 -16.07 -27.47 18.00
N ILE A 249 -15.69 -26.31 17.48
CA ILE A 249 -14.68 -25.48 18.15
C ILE A 249 -15.17 -25.05 19.52
N ALA A 250 -16.42 -24.61 19.62
CA ALA A 250 -16.96 -24.18 20.91
C ALA A 250 -17.09 -25.37 21.86
N ALA A 251 -17.54 -26.52 21.35
CA ALA A 251 -17.65 -27.70 22.19
C ALA A 251 -16.29 -28.15 22.69
N ALA A 252 -15.28 -28.13 21.82
CA ALA A 252 -13.92 -28.45 22.25
C ALA A 252 -13.43 -27.44 23.29
N ALA A 253 -13.74 -26.16 23.10
CA ALA A 253 -13.32 -25.15 24.06
C ALA A 253 -13.98 -25.34 25.41
N ARG A 254 -15.27 -25.71 25.41
CA ARG A 254 -15.96 -25.95 26.68
C ARG A 254 -15.36 -27.14 27.42
N LEU A 255 -15.05 -28.21 26.69
CA LEU A 255 -14.40 -29.37 27.31
C LEU A 255 -13.06 -28.99 27.92
N ALA A 256 -12.33 -28.08 27.26
CA ALA A 256 -11.04 -27.63 27.79
C ALA A 256 -11.22 -26.80 29.05
N LEU A 257 -12.18 -25.87 29.03
CA LEU A 257 -12.40 -25.02 30.21
C LEU A 257 -13.01 -25.80 31.35
N GLU A 258 -14.00 -26.67 31.07
CA GLU A 258 -14.47 -27.67 32.04
C GLU A 258 -13.49 -28.83 32.05
N GLY A 259 -12.36 -28.64 32.72
CA GLY A 259 -11.39 -29.72 32.79
C GLY A 259 -10.08 -29.21 33.36
N LEU A 260 -9.99 -27.89 33.47
CA LEU A 260 -8.83 -27.21 34.02
C LEU A 260 -8.81 -27.35 35.53
N VAL B 1 15.61 11.10 -38.97
CA VAL B 1 15.29 11.70 -37.67
C VAL B 1 15.79 10.86 -36.50
N ALA B 2 15.55 9.55 -36.56
CA ALA B 2 15.77 8.68 -35.41
C ALA B 2 17.24 8.44 -35.03
N GLU B 3 18.18 8.47 -35.98
CA GLU B 3 19.53 8.03 -35.63
C GLU B 3 20.30 8.91 -34.64
N PRO B 4 20.16 10.24 -34.62
CA PRO B 4 20.87 11.01 -33.59
C PRO B 4 20.45 10.62 -32.17
N PHE B 5 19.20 10.17 -32.00
CA PHE B 5 18.73 9.74 -30.68
C PHE B 5 19.34 8.39 -30.31
N ALA B 6 19.37 7.45 -31.27
CA ALA B 6 20.00 6.16 -31.03
C ALA B 6 21.44 6.35 -30.56
N LYS B 7 22.18 7.22 -31.24
CA LYS B 7 23.51 7.61 -30.78
C LYS B 7 23.45 8.10 -29.34
N LEU B 8 22.49 8.96 -29.03
CA LEU B 8 22.38 9.52 -27.69
C LEU B 8 22.01 8.46 -26.67
N GLU B 9 21.01 7.62 -26.97
CA GLU B 9 20.53 6.70 -25.96
C GLU B 9 21.48 5.55 -25.68
N GLN B 10 22.49 5.32 -26.51
CA GLN B 10 23.48 4.29 -26.19
C GLN B 10 24.74 4.87 -25.57
N ASP B 11 24.97 6.18 -25.71
CA ASP B 11 25.92 6.86 -24.83
C ASP B 11 25.37 6.99 -23.42
N PHE B 12 24.03 6.94 -23.27
CA PHE B 12 23.39 7.06 -21.97
C PHE B 12 23.32 5.71 -21.24
N GLY B 13 23.16 4.62 -21.98
CA GLY B 13 23.06 3.30 -21.39
C GLY B 13 21.64 2.81 -21.16
N GLY B 14 20.65 3.42 -21.79
CA GLY B 14 19.26 3.03 -21.61
C GLY B 14 18.41 3.55 -22.74
N SER B 15 17.10 3.64 -22.48
CA SER B 15 16.15 4.07 -23.48
C SER B 15 15.79 5.54 -23.28
N ILE B 16 15.63 6.24 -24.40
CA ILE B 16 15.15 7.62 -24.43
C ILE B 16 13.89 7.65 -25.28
N GLY B 17 12.84 8.26 -24.74
CA GLY B 17 11.62 8.45 -25.50
C GLY B 17 11.35 9.92 -25.70
N VAL B 18 11.05 10.32 -26.92
CA VAL B 18 10.92 11.72 -27.28
C VAL B 18 9.71 11.88 -28.19
N TYR B 19 8.92 12.93 -27.96
CA TYR B 19 7.86 13.30 -28.86
C TYR B 19 7.72 14.81 -28.82
N ALA B 20 7.74 15.44 -30.00
CA ALA B 20 7.66 16.89 -30.11
C ALA B 20 6.60 17.24 -31.14
N MET B 21 5.88 18.34 -30.89
CA MET B 21 4.78 18.77 -31.74
C MET B 21 4.83 20.28 -31.96
N ASP B 22 4.88 20.69 -33.23
CA ASP B 22 4.70 22.09 -33.61
C ASP B 22 3.21 22.32 -33.84
N THR B 23 2.58 23.12 -32.98
CA THR B 23 1.14 23.30 -33.08
C THR B 23 0.72 24.14 -34.29
N GLY B 24 1.63 24.91 -34.87
CA GLY B 24 1.29 25.66 -36.06
C GLY B 24 1.36 24.83 -37.33
N SER B 25 2.57 24.37 -37.67
CA SER B 25 2.74 23.56 -38.87
C SER B 25 2.15 22.16 -38.71
N GLY B 26 2.16 21.61 -37.49
CA GLY B 26 1.78 20.23 -37.29
C GLY B 26 2.93 19.24 -37.41
N ALA B 27 4.15 19.70 -37.64
CA ALA B 27 5.29 18.80 -37.74
C ALA B 27 5.59 18.15 -36.39
N THR B 28 6.12 16.94 -36.44
CA THR B 28 6.42 16.19 -35.22
C THR B 28 7.79 15.53 -35.33
N VAL B 29 8.36 15.24 -34.16
CA VAL B 29 9.49 14.34 -34.01
C VAL B 29 9.07 13.25 -33.03
N SER B 30 9.34 12.00 -33.38
CA SER B 30 8.99 10.86 -32.54
C SER B 30 10.19 9.93 -32.42
N TYR B 31 10.50 9.52 -31.20
CA TYR B 31 11.49 8.46 -31.00
C TYR B 31 11.07 7.65 -29.78
N ARG B 32 10.74 6.38 -29.99
CA ARG B 32 10.12 5.53 -28.97
C ARG B 32 8.90 6.21 -28.35
N ALA B 33 8.20 7.03 -29.16
CA ALA B 33 7.18 7.92 -28.61
C ALA B 33 5.97 7.19 -28.05
N GLU B 34 5.81 5.90 -28.31
CA GLU B 34 4.68 5.16 -27.77
C GLU B 34 5.08 4.12 -26.74
N GLU B 35 6.37 4.00 -26.43
CA GLU B 35 6.78 3.11 -25.36
C GLU B 35 6.41 3.72 -24.02
N ARG B 36 6.19 2.85 -23.04
CA ARG B 36 5.88 3.31 -21.70
C ARG B 36 7.16 3.66 -20.95
N PHE B 37 7.09 4.71 -20.16
CA PHE B 37 8.14 5.14 -19.26
C PHE B 37 7.51 5.48 -17.91
N PRO B 38 8.23 5.31 -16.82
CA PRO B 38 7.69 5.74 -15.53
C PRO B 38 7.50 7.24 -15.49
N LEU B 39 6.33 7.66 -14.99
CA LEU B 39 6.03 9.08 -14.88
C LEU B 39 6.94 9.76 -13.88
N CYS B 40 7.26 9.07 -12.79
CA CYS B 40 7.90 9.68 -11.62
C CYS B 40 7.09 10.91 -11.21
N SER B 41 7.75 12.00 -10.86
CA SER B 41 7.03 13.17 -10.40
C SER B 41 6.27 13.90 -11.52
N SER B 42 6.46 13.52 -12.79
CA SER B 42 5.89 14.34 -13.87
C SER B 42 4.36 14.30 -13.91
N TYR B 43 3.72 13.27 -13.32
CA TYR B 43 2.25 13.28 -13.26
C TYR B 43 1.71 14.48 -12.49
N LYS B 44 2.55 15.13 -11.67
CA LYS B 44 2.05 16.20 -10.80
C LYS B 44 1.55 17.40 -11.59
N GLY B 45 2.10 17.62 -12.79
CA GLY B 45 1.51 18.63 -13.67
C GLY B 45 0.08 18.29 -14.03
N PHE B 46 -0.17 17.05 -14.45
CA PHE B 46 -1.54 16.65 -14.79
C PHE B 46 -2.44 16.61 -13.57
N LEU B 47 -1.90 16.26 -12.40
CA LEU B 47 -2.66 16.37 -11.16
C LEU B 47 -3.23 17.77 -10.97
N ALA B 48 -2.37 18.79 -11.05
CA ALA B 48 -2.84 20.17 -10.89
C ALA B 48 -3.87 20.53 -11.96
N ALA B 49 -3.64 20.11 -13.21
CA ALA B 49 -4.62 20.35 -14.25
C ALA B 49 -5.95 19.72 -13.90
N ALA B 50 -5.93 18.48 -13.39
CA ALA B 50 -7.16 17.79 -13.02
C ALA B 50 -7.87 18.52 -11.88
N VAL B 51 -7.11 19.05 -10.92
CA VAL B 51 -7.67 19.84 -9.84
C VAL B 51 -8.30 21.11 -10.39
N LEU B 52 -7.65 21.74 -11.36
CA LEU B 52 -8.22 22.92 -12.01
C LEU B 52 -9.53 22.59 -12.71
N ALA B 53 -9.57 21.44 -13.40
CA ALA B 53 -10.79 21.03 -14.08
C ALA B 53 -11.94 20.83 -13.10
N ARG B 54 -11.65 20.22 -11.94
CA ARG B 54 -12.71 20.05 -10.94
C ARG B 54 -13.17 21.39 -10.39
N SER B 55 -12.29 22.39 -10.34
CA SER B 55 -12.70 23.71 -9.87
C SER B 55 -13.66 24.37 -10.84
N GLN B 56 -13.70 23.92 -12.10
CA GLN B 56 -14.71 24.41 -13.04
C GLN B 56 -16.12 23.99 -12.62
N GLN B 57 -16.27 22.84 -11.99
CA GLN B 57 -17.57 22.35 -11.55
C GLN B 57 -17.80 22.46 -10.05
N GLN B 58 -16.79 22.80 -9.26
CA GLN B 58 -16.86 22.77 -7.80
C GLN B 58 -16.37 24.13 -7.30
N ALA B 59 -17.27 25.12 -7.35
CA ALA B 59 -16.90 26.49 -7.04
C ALA B 59 -16.19 26.58 -5.70
N GLY B 60 -15.20 27.47 -5.64
CA GLY B 60 -14.41 27.65 -4.43
C GLY B 60 -13.44 26.54 -4.09
N LEU B 61 -13.30 25.51 -4.94
CA LEU B 61 -12.38 24.42 -4.63
C LEU B 61 -10.95 24.93 -4.45
N LEU B 62 -10.51 25.84 -5.32
CA LEU B 62 -9.12 26.28 -5.29
C LEU B 62 -8.79 26.99 -3.98
N ASP B 63 -9.73 27.75 -3.44
CA ASP B 63 -9.52 28.46 -2.19
C ASP B 63 -9.75 27.62 -0.95
N THR B 64 -10.14 26.35 -1.09
CA THR B 64 -10.45 25.52 0.07
C THR B 64 -9.18 25.23 0.86
N PRO B 65 -9.14 25.56 2.16
CA PRO B 65 -7.94 25.27 2.96
C PRO B 65 -7.87 23.80 3.35
N ILE B 66 -6.66 23.25 3.25
CA ILE B 66 -6.40 21.87 3.63
C ILE B 66 -5.46 21.92 4.82
N ARG B 67 -5.96 21.57 5.99
CA ARG B 67 -5.16 21.57 7.21
C ARG B 67 -4.81 20.13 7.53
N TYR B 68 -3.52 19.82 7.49
CA TYR B 68 -3.04 18.45 7.57
C TYR B 68 -2.21 18.26 8.83
N GLY B 69 -2.12 17.01 9.27
CA GLY B 69 -1.28 16.64 10.39
C GLY B 69 0.14 16.29 9.94
N LYS B 70 0.99 16.03 10.94
CA LYS B 70 2.38 15.66 10.69
C LYS B 70 2.50 14.40 9.84
N ASN B 71 1.50 13.51 9.91
CA ASN B 71 1.58 12.24 9.18
C ASN B 71 1.42 12.42 7.68
N ALA B 72 0.75 13.49 7.25
CA ALA B 72 0.62 13.73 5.81
C ALA B 72 1.95 14.06 5.17
N LEU B 73 2.98 14.36 5.95
CA LEU B 73 4.28 14.74 5.41
C LEU B 73 5.05 13.51 4.95
N VAL B 74 5.61 13.59 3.76
CA VAL B 74 6.47 12.55 3.20
C VAL B 74 7.77 13.23 2.74
N PRO B 75 8.82 12.45 2.50
CA PRO B 75 10.07 13.08 2.03
C PRO B 75 9.85 13.91 0.77
N TRP B 76 10.66 14.96 0.64
CA TRP B 76 10.62 15.91 -0.47
C TRP B 76 9.28 16.66 -0.51
N SER B 77 8.98 17.31 0.63
CA SER B 77 7.79 18.14 0.77
C SER B 77 8.18 19.50 1.31
N PRO B 78 9.03 20.24 0.60
CA PRO B 78 9.62 21.45 1.18
C PRO B 78 8.61 22.55 1.48
N ILE B 79 7.53 22.64 0.70
CA ILE B 79 6.53 23.68 0.92
C ILE B 79 5.53 23.23 1.98
N SER B 80 4.98 22.02 1.79
CA SER B 80 4.03 21.45 2.74
C SER B 80 4.56 21.49 4.17
N GLU B 81 5.85 21.21 4.35
CA GLU B 81 6.44 21.23 5.68
C GLU B 81 6.41 22.62 6.29
N LYS B 82 6.66 23.65 5.47
CA LYS B 82 6.71 25.01 6.00
C LYS B 82 5.37 25.45 6.57
N TYR B 83 4.27 24.91 6.05
CA TYR B 83 2.94 25.37 6.42
C TYR B 83 2.17 24.35 7.23
N LEU B 84 2.88 23.43 7.89
CA LEU B 84 2.23 22.45 8.76
C LEU B 84 1.44 23.11 9.87
N THR B 85 1.85 24.28 10.33
CA THR B 85 1.17 24.91 11.47
C THR B 85 -0.05 25.71 11.06
N THR B 86 -0.31 25.87 9.76
CA THR B 86 -1.45 26.65 9.28
C THR B 86 -2.26 25.98 8.19
N GLY B 87 -1.69 25.06 7.44
CA GLY B 87 -2.37 24.51 6.28
C GLY B 87 -2.12 25.33 5.03
N MET B 88 -2.66 24.82 3.93
CA MET B 88 -2.51 25.41 2.60
C MET B 88 -3.81 25.21 1.83
N THR B 89 -4.13 26.17 0.97
CA THR B 89 -5.28 26.00 0.11
C THR B 89 -4.96 25.03 -1.02
N VAL B 90 -6.01 24.55 -1.69
CA VAL B 90 -5.82 23.63 -2.80
C VAL B 90 -4.97 24.26 -3.88
N ALA B 91 -5.23 25.54 -4.20
CA ALA B 91 -4.43 26.23 -5.20
C ALA B 91 -2.96 26.28 -4.79
N GLU B 92 -2.69 26.57 -3.51
CA GLU B 92 -1.31 26.60 -3.03
C GLU B 92 -0.67 25.22 -3.10
N LEU B 93 -1.42 24.17 -2.75
CA LEU B 93 -0.89 22.83 -2.89
C LEU B 93 -0.58 22.51 -4.34
N SER B 94 -1.44 22.95 -5.25
CA SER B 94 -1.26 22.66 -6.67
C SER B 94 0.01 23.32 -7.19
N ALA B 95 0.20 24.61 -6.89
CA ALA B 95 1.44 25.27 -7.29
C ALA B 95 2.66 24.59 -6.67
N ALA B 96 2.54 24.15 -5.41
CA ALA B 96 3.66 23.44 -4.78
C ALA B 96 3.95 22.12 -5.48
N ALA B 97 2.90 21.38 -5.83
CA ALA B 97 3.10 20.11 -6.54
C ALA B 97 3.80 20.33 -7.87
N VAL B 98 3.42 21.38 -8.59
CA VAL B 98 3.98 21.64 -9.91
C VAL B 98 5.39 22.21 -9.81
N GLN B 99 5.57 23.26 -9.02
CA GLN B 99 6.80 24.05 -9.12
C GLN B 99 7.91 23.55 -8.20
N TYR B 100 7.59 22.76 -7.18
CA TYR B 100 8.60 22.19 -6.30
C TYR B 100 8.50 20.68 -6.22
N SER B 101 7.57 20.08 -6.95
CA SER B 101 7.36 18.63 -6.92
C SER B 101 7.06 18.14 -5.51
N ASP B 102 6.36 18.97 -4.73
CA ASP B 102 6.07 18.68 -3.32
C ASP B 102 5.20 17.44 -3.19
N ASN B 103 5.72 16.41 -2.49
CA ASN B 103 5.06 15.11 -2.43
C ASN B 103 3.86 15.09 -1.49
N ALA B 104 3.96 15.73 -0.33
CA ALA B 104 2.81 15.76 0.57
C ALA B 104 1.64 16.48 -0.09
N ALA B 105 1.92 17.58 -0.79
CA ALA B 105 0.88 18.29 -1.52
C ALA B 105 0.23 17.40 -2.57
N ALA B 106 1.03 16.65 -3.32
CA ALA B 106 0.48 15.78 -4.36
C ALA B 106 -0.44 14.71 -3.76
N ASN B 107 0.00 14.08 -2.67
CA ASN B 107 -0.86 13.09 -2.03
C ASN B 107 -2.15 13.71 -1.53
N LEU B 108 -2.06 14.92 -0.93
CA LEU B 108 -3.25 15.64 -0.52
C LEU B 108 -4.18 15.92 -1.69
N LEU B 109 -3.61 16.35 -2.82
CA LEU B 109 -4.43 16.62 -3.99
C LEU B 109 -4.95 15.32 -4.60
N LEU B 110 -4.14 14.26 -4.58
CA LEU B 110 -4.61 12.96 -5.05
C LEU B 110 -5.85 12.55 -4.28
N LYS B 111 -5.82 12.71 -2.96
CA LYS B 111 -6.98 12.47 -2.12
C LYS B 111 -8.21 13.23 -2.62
N GLU B 112 -8.02 14.52 -2.94
CA GLU B 112 -9.12 15.35 -3.44
C GLU B 112 -9.79 14.75 -4.66
N LEU B 113 -9.02 14.08 -5.51
CA LEU B 113 -9.55 13.55 -6.76
C LEU B 113 -10.01 12.11 -6.67
N GLY B 114 -9.89 11.48 -5.51
CA GLY B 114 -10.19 10.07 -5.39
C GLY B 114 -9.01 9.15 -5.62
N GLY B 115 -7.80 9.61 -5.28
CA GLY B 115 -6.63 8.78 -5.42
C GLY B 115 -6.14 8.70 -6.85
N PRO B 116 -5.15 7.83 -7.08
CA PRO B 116 -4.60 7.68 -8.44
C PRO B 116 -5.63 7.32 -9.49
N ALA B 117 -6.65 6.53 -9.15
CA ALA B 117 -7.70 6.22 -10.11
C ALA B 117 -8.47 7.47 -10.50
N GLY B 118 -8.68 8.38 -9.55
CA GLY B 118 -9.34 9.63 -9.88
C GLY B 118 -8.56 10.45 -10.88
N LEU B 119 -7.23 10.52 -10.71
CA LEU B 119 -6.41 11.21 -11.69
C LEU B 119 -6.42 10.50 -13.03
N THR B 120 -6.30 9.17 -13.03
CA THR B 120 -6.35 8.45 -14.30
C THR B 120 -7.71 8.63 -14.96
N ALA B 121 -8.79 8.60 -14.18
CA ALA B 121 -10.12 8.85 -14.73
C ALA B 121 -10.19 10.22 -15.39
N PHE B 122 -9.51 11.22 -14.83
CA PHE B 122 -9.49 12.52 -15.48
C PHE B 122 -8.74 12.47 -16.81
N MET B 123 -7.60 11.77 -16.85
CA MET B 123 -6.85 11.68 -18.10
C MET B 123 -7.64 10.92 -19.16
N ARG B 124 -8.41 9.91 -18.74
CA ARG B 124 -9.31 9.25 -19.68
C ARG B 124 -10.37 10.23 -20.18
N SER B 125 -10.88 11.08 -19.29
CA SER B 125 -11.95 12.01 -19.66
C SER B 125 -11.54 12.95 -20.79
N ILE B 126 -10.24 13.23 -20.93
CA ILE B 126 -9.76 14.09 -22.00
C ILE B 126 -9.16 13.30 -23.16
N GLY B 127 -9.38 11.98 -23.21
CA GLY B 127 -8.96 11.19 -24.34
C GLY B 127 -7.57 10.59 -24.24
N ASP B 128 -6.93 10.65 -23.08
CA ASP B 128 -5.62 10.04 -22.87
C ASP B 128 -5.87 8.61 -22.39
N THR B 129 -5.60 7.63 -23.26
CA THR B 129 -5.81 6.23 -22.91
C THR B 129 -4.53 5.53 -22.47
N THR B 130 -3.38 6.21 -22.53
CA THR B 130 -2.09 5.61 -22.17
C THR B 130 -1.76 5.83 -20.70
N PHE B 131 -1.97 7.06 -20.23
CA PHE B 131 -1.67 7.45 -18.85
C PHE B 131 -2.32 6.51 -17.85
N ARG B 132 -1.54 6.09 -16.87
CA ARG B 132 -2.12 5.44 -15.71
C ARG B 132 -1.32 5.83 -14.48
N LEU B 133 -2.01 6.34 -13.47
CA LEU B 133 -1.44 6.44 -12.13
C LEU B 133 -2.13 5.40 -11.27
N ASP B 134 -1.32 4.59 -10.59
CA ASP B 134 -1.82 3.48 -9.80
C ASP B 134 -1.52 3.60 -8.33
N ARG B 135 -0.40 4.23 -7.96
CA ARG B 135 0.05 4.28 -6.58
C ARG B 135 0.26 5.73 -6.17
N TRP B 136 0.54 5.90 -4.89
CA TRP B 136 0.74 7.20 -4.26
C TRP B 136 2.23 7.48 -4.12
N GLU B 137 2.55 8.69 -3.68
CA GLU B 137 3.91 8.94 -3.22
C GLU B 137 4.14 8.14 -1.95
N LEU B 138 5.28 7.47 -1.85
CA LEU B 138 6.39 7.53 -2.81
C LEU B 138 6.48 6.29 -3.68
N GLU B 139 5.53 5.36 -3.49
CA GLU B 139 5.60 4.06 -4.14
C GLU B 139 5.54 4.17 -5.65
N LEU B 140 4.84 5.17 -6.18
CA LEU B 140 4.73 5.30 -7.63
C LEU B 140 6.07 5.47 -8.32
N ASN B 141 7.14 5.76 -7.57
CA ASN B 141 8.44 6.03 -8.15
C ASN B 141 9.31 4.78 -8.27
N SER B 142 8.74 3.58 -8.13
CA SER B 142 9.56 2.37 -8.06
C SER B 142 10.23 2.06 -9.40
N ALA B 143 9.59 2.37 -10.51
CA ALA B 143 10.24 2.39 -11.83
C ALA B 143 10.85 1.04 -12.20
N ILE B 144 10.17 -0.03 -11.82
CA ILE B 144 10.69 -1.38 -12.02
C ILE B 144 10.47 -1.79 -13.48
N PRO B 145 11.48 -2.35 -14.16
CA PRO B 145 11.28 -2.78 -15.54
C PRO B 145 10.11 -3.75 -15.65
N GLY B 146 9.32 -3.58 -16.72
CA GLY B 146 8.17 -4.41 -16.97
C GLY B 146 6.89 -3.95 -16.30
N ASP B 147 6.98 -3.19 -15.21
CA ASP B 147 5.80 -2.67 -14.53
C ASP B 147 5.16 -1.60 -15.39
N ALA B 148 3.89 -1.80 -15.75
CA ALA B 148 3.15 -0.77 -16.47
C ALA B 148 2.55 0.28 -15.54
N ARG B 149 2.56 0.05 -14.23
CA ARG B 149 1.94 0.98 -13.30
C ARG B 149 2.67 2.32 -13.34
N ASP B 150 1.91 3.40 -13.19
CA ASP B 150 2.46 4.74 -13.03
C ASP B 150 3.34 5.10 -14.24
N THR B 151 2.81 4.85 -15.43
CA THR B 151 3.52 5.10 -16.68
C THR B 151 2.64 5.86 -17.64
N SER B 152 3.31 6.42 -18.65
CA SER B 152 2.68 6.90 -19.87
C SER B 152 3.73 6.85 -20.98
N SER B 153 3.39 7.39 -22.13
CA SER B 153 4.31 7.46 -23.25
C SER B 153 4.64 8.92 -23.55
N PRO B 154 5.80 9.21 -24.13
CA PRO B 154 6.09 10.59 -24.53
C PRO B 154 5.00 11.19 -25.40
N ARG B 155 4.42 10.41 -26.32
CA ARG B 155 3.41 10.93 -27.23
C ARG B 155 2.14 11.32 -26.47
N ALA B 156 1.64 10.42 -25.63
CA ALA B 156 0.44 10.72 -24.85
C ALA B 156 0.66 11.88 -23.89
N VAL B 157 1.84 11.93 -23.26
CA VAL B 157 2.16 13.05 -22.37
C VAL B 157 2.10 14.36 -23.14
N THR B 158 2.69 14.38 -24.34
CA THR B 158 2.70 15.60 -25.14
C THR B 158 1.29 15.99 -25.57
N GLU B 159 0.50 15.01 -26.05
CA GLU B 159 -0.84 15.31 -26.51
C GLU B 159 -1.72 15.83 -25.39
N SER B 160 -1.66 15.21 -24.22
CA SER B 160 -2.45 15.68 -23.09
C SER B 160 -1.99 17.07 -22.66
N LEU B 161 -0.68 17.30 -22.65
CA LEU B 161 -0.16 18.61 -22.27
C LEU B 161 -0.66 19.70 -23.22
N GLN B 162 -0.63 19.43 -24.52
CA GLN B 162 -1.18 20.37 -25.49
C GLN B 162 -2.66 20.63 -25.25
N LYS B 163 -3.45 19.56 -25.10
CA LYS B 163 -4.88 19.72 -24.86
C LYS B 163 -5.15 20.58 -23.64
N LEU B 164 -4.31 20.45 -22.61
CA LEU B 164 -4.54 21.16 -21.36
C LEU B 164 -3.99 22.57 -21.36
N THR B 165 -2.88 22.81 -22.04
CA THR B 165 -2.28 24.15 -22.03
C THR B 165 -2.73 25.01 -23.19
N LEU B 166 -3.09 24.40 -24.33
CA LEU B 166 -3.48 25.14 -25.52
C LEU B 166 -4.85 24.78 -26.06
N GLY B 167 -5.38 23.61 -25.72
CA GLY B 167 -6.63 23.14 -26.28
C GLY B 167 -7.85 23.48 -25.45
N SER B 168 -8.90 22.69 -25.64
CA SER B 168 -10.22 22.96 -25.07
C SER B 168 -10.49 22.20 -23.78
N ALA B 169 -9.58 21.33 -23.33
CA ALA B 169 -9.85 20.49 -22.16
C ALA B 169 -10.14 21.34 -20.92
N LEU B 170 -9.36 22.39 -20.71
CA LEU B 170 -9.60 23.32 -19.62
C LEU B 170 -10.35 24.54 -20.17
N ALA B 171 -11.24 25.09 -19.35
CA ALA B 171 -11.85 26.37 -19.66
C ALA B 171 -10.78 27.47 -19.65
N ALA B 172 -11.13 28.62 -20.21
CA ALA B 172 -10.15 29.68 -20.48
C ALA B 172 -9.35 30.13 -19.26
N PRO B 173 -9.95 30.48 -18.12
CA PRO B 173 -9.10 30.96 -17.00
C PRO B 173 -8.27 29.87 -16.37
N GLN B 174 -8.84 28.67 -16.18
CA GLN B 174 -8.05 27.57 -15.65
C GLN B 174 -6.86 27.25 -16.53
N ARG B 175 -7.04 27.31 -17.86
CA ARG B 175 -5.96 27.02 -18.78
C ARG B 175 -4.75 27.92 -18.54
N GLN B 176 -5.01 29.21 -18.28
CA GLN B 176 -3.92 30.16 -18.04
C GLN B 176 -3.23 29.93 -16.70
N GLN B 177 -3.95 29.50 -15.68
CA GLN B 177 -3.27 29.20 -14.42
C GLN B 177 -2.34 28.01 -14.57
N PHE B 178 -2.81 26.95 -15.23
CA PHE B 178 -1.94 25.79 -15.48
C PHE B 178 -0.68 26.22 -16.19
N VAL B 179 -0.82 27.03 -17.23
CA VAL B 179 0.34 27.54 -17.96
C VAL B 179 1.26 28.30 -17.02
N ASP B 180 0.69 29.19 -16.21
CA ASP B 180 1.50 30.00 -15.30
C ASP B 180 2.22 29.13 -14.27
N TRP B 181 1.57 28.09 -13.78
CA TRP B 181 2.25 27.19 -12.85
C TRP B 181 3.42 26.50 -13.52
N LEU B 182 3.24 26.06 -14.77
CA LEU B 182 4.34 25.41 -15.48
C LEU B 182 5.48 26.38 -15.74
N LYS B 183 5.18 27.65 -16.08
CA LYS B 183 6.26 28.60 -16.34
C LYS B 183 7.09 28.87 -15.10
N GLY B 184 6.45 28.87 -13.93
CA GLY B 184 7.18 29.10 -12.70
C GLY B 184 7.78 27.85 -12.09
N ASN B 185 7.92 26.77 -12.87
CA ASN B 185 8.55 25.57 -12.32
C ASN B 185 10.00 25.87 -12.00
N THR B 186 10.45 25.40 -10.84
CA THR B 186 11.78 25.71 -10.37
C THR B 186 12.79 24.60 -10.59
N THR B 187 12.34 23.40 -11.00
CA THR B 187 13.19 22.21 -11.01
C THR B 187 13.70 21.79 -12.38
N GLY B 188 13.38 22.54 -13.44
CA GLY B 188 13.70 22.03 -14.76
C GLY B 188 14.72 22.82 -15.56
N ASN B 189 15.55 23.62 -14.89
CA ASN B 189 16.45 24.51 -15.61
C ASN B 189 17.49 23.74 -16.43
N HIS B 190 17.87 22.54 -16.00
CA HIS B 190 18.91 21.77 -16.66
C HIS B 190 18.37 20.74 -17.63
N ARG B 191 17.06 20.77 -17.91
CA ARG B 191 16.48 19.76 -18.78
C ARG B 191 16.00 20.43 -20.06
N ILE B 192 14.70 20.43 -20.36
CA ILE B 192 14.24 21.00 -21.64
C ILE B 192 14.59 22.48 -21.72
N ARG B 193 14.45 23.22 -20.60
CA ARG B 193 14.74 24.66 -20.62
C ARG B 193 16.16 24.95 -21.09
N ALA B 194 17.11 24.07 -20.75
CA ALA B 194 18.49 24.30 -21.15
C ALA B 194 18.69 24.21 -22.66
N ALA B 195 17.73 23.67 -23.41
CA ALA B 195 17.86 23.48 -24.84
C ALA B 195 17.19 24.57 -25.67
N VAL B 196 16.50 25.52 -25.04
CA VAL B 196 15.81 26.57 -25.78
C VAL B 196 16.54 27.89 -25.63
N PRO B 197 16.41 28.81 -26.59
CA PRO B 197 16.92 30.17 -26.39
C PRO B 197 16.21 30.82 -25.21
N ALA B 198 16.97 31.65 -24.48
CA ALA B 198 16.43 32.26 -23.26
C ALA B 198 15.31 33.24 -23.55
N ASP B 199 15.16 33.71 -24.79
CA ASP B 199 14.10 34.65 -25.12
C ASP B 199 12.74 33.98 -25.28
N TRP B 200 12.68 32.66 -25.35
CA TRP B 200 11.43 31.94 -25.48
C TRP B 200 10.93 31.51 -24.11
N ALA B 201 9.64 31.70 -23.87
CA ALA B 201 9.01 31.29 -22.62
C ALA B 201 8.81 29.78 -22.60
N VAL B 202 9.05 29.17 -21.44
CA VAL B 202 8.95 27.72 -21.26
C VAL B 202 8.20 27.42 -19.96
N GLY B 203 7.28 26.48 -20.03
CA GLY B 203 6.72 25.85 -18.84
C GLY B 203 7.00 24.37 -18.91
N ASP B 204 7.33 23.77 -17.76
CA ASP B 204 7.72 22.37 -17.75
C ASP B 204 7.39 21.73 -16.40
N LYS B 205 7.34 20.40 -16.39
CA LYS B 205 7.27 19.63 -15.16
C LYS B 205 8.24 18.47 -15.26
N THR B 206 9.13 18.37 -14.29
CA THR B 206 10.17 17.36 -14.28
C THR B 206 9.72 16.10 -13.54
N GLY B 207 10.48 15.03 -13.71
CA GLY B 207 10.34 13.81 -12.94
C GLY B 207 11.67 13.11 -12.76
N THR B 208 11.93 12.56 -11.58
CA THR B 208 13.19 11.90 -11.30
C THR B 208 12.91 10.76 -10.33
N CYS B 209 12.82 9.53 -10.84
CA CYS B 209 12.44 8.43 -9.94
C CYS B 209 13.55 8.10 -8.94
N GLY B 210 14.81 8.34 -9.30
CA GLY B 210 15.92 8.03 -8.43
C GLY B 210 16.54 6.66 -8.61
N VAL B 211 15.90 5.77 -9.38
CA VAL B 211 16.44 4.45 -9.67
C VAL B 211 16.27 4.18 -11.17
N TYR B 212 16.98 3.16 -11.63
CA TYR B 212 16.84 2.63 -12.99
C TYR B 212 16.98 3.72 -14.04
N GLY B 213 17.87 4.68 -13.79
CA GLY B 213 18.14 5.76 -14.73
C GLY B 213 16.90 6.43 -15.28
N THR B 214 15.88 6.57 -14.44
CA THR B 214 14.54 6.98 -14.89
C THR B 214 14.32 8.43 -14.46
N ALA B 215 14.20 9.31 -15.45
CA ALA B 215 13.97 10.73 -15.22
C ALA B 215 13.37 11.30 -16.49
N ASN B 216 12.72 12.45 -16.37
CA ASN B 216 11.98 12.95 -17.51
C ASN B 216 11.69 14.43 -17.37
N ASP B 217 11.09 15.00 -18.41
CA ASP B 217 10.68 16.40 -18.47
C ASP B 217 9.73 16.56 -19.66
N TYR B 218 8.64 17.31 -19.45
CA TYR B 218 7.81 17.75 -20.56
C TYR B 218 7.62 19.25 -20.48
N ALA B 219 7.35 19.87 -21.62
CA ALA B 219 7.35 21.32 -21.65
C ALA B 219 6.47 21.85 -22.76
N VAL B 220 5.95 23.06 -22.54
CA VAL B 220 5.40 23.92 -23.58
C VAL B 220 6.41 25.03 -23.83
N VAL B 221 6.73 25.27 -25.09
CA VAL B 221 7.69 26.28 -25.49
C VAL B 221 6.99 27.26 -26.43
N TRP B 222 7.21 28.56 -26.19
CA TRP B 222 6.75 29.62 -27.09
C TRP B 222 7.95 30.26 -27.76
N PRO B 223 8.27 29.88 -29.00
CA PRO B 223 9.25 30.68 -29.76
C PRO B 223 8.67 32.06 -30.04
N THR B 224 9.54 33.07 -30.00
CA THR B 224 9.12 34.45 -30.19
C THR B 224 8.37 34.59 -31.51
N GLY B 225 7.13 35.09 -31.42
CA GLY B 225 6.30 35.31 -32.61
C GLY B 225 6.05 34.07 -33.43
N ARG B 226 5.76 32.94 -32.77
CA ARG B 226 5.63 31.65 -33.45
C ARG B 226 4.62 30.81 -32.71
N ALA B 227 4.14 29.77 -33.39
CA ALA B 227 3.22 28.84 -32.75
C ALA B 227 3.94 28.04 -31.66
N PRO B 228 3.26 27.72 -30.57
CA PRO B 228 3.94 27.04 -29.46
C PRO B 228 4.26 25.58 -29.78
N ILE B 229 5.38 25.13 -29.23
CA ILE B 229 5.85 23.75 -29.37
C ILE B 229 5.61 23.02 -28.05
N VAL B 230 5.21 21.76 -28.14
CA VAL B 230 4.99 20.90 -26.98
C VAL B 230 5.85 19.66 -27.15
N LEU B 231 6.58 19.27 -26.09
CA LEU B 231 7.48 18.14 -26.23
C LEU B 231 7.68 17.45 -24.88
N ALA B 232 8.11 16.19 -24.95
CA ALA B 232 8.33 15.34 -23.80
C ALA B 232 9.57 14.49 -24.00
N VAL B 233 10.39 14.39 -22.97
CA VAL B 233 11.58 13.55 -22.99
C VAL B 233 11.55 12.65 -21.77
N TYR B 234 11.50 11.34 -21.98
CA TYR B 234 11.48 10.36 -20.90
C TYR B 234 12.64 9.39 -21.07
N THR B 235 13.21 8.95 -19.95
CA THR B 235 14.31 8.00 -19.99
C THR B 235 14.10 6.90 -18.96
N ARG B 236 14.74 5.77 -19.21
CA ARG B 236 14.86 4.68 -18.26
C ARG B 236 16.09 3.88 -18.63
N ALA B 237 16.47 2.96 -17.74
CA ALA B 237 17.73 2.22 -17.87
C ALA B 237 17.55 0.86 -17.20
N PRO B 238 18.33 -0.16 -17.62
CA PRO B 238 18.04 -1.52 -17.15
C PRO B 238 18.46 -1.81 -15.72
N ASN B 239 19.47 -1.11 -15.21
CA ASN B 239 20.05 -1.42 -13.91
C ASN B 239 19.59 -0.44 -12.84
N LYS B 240 19.31 -0.99 -11.65
CA LYS B 240 18.77 -0.22 -10.54
C LYS B 240 19.68 0.95 -10.15
N ASP B 241 21.00 0.75 -10.26
CA ASP B 241 21.95 1.81 -9.92
C ASP B 241 22.36 2.65 -11.13
N ASP B 242 21.83 2.36 -12.32
CA ASP B 242 22.08 3.22 -13.48
C ASP B 242 21.64 4.65 -13.17
N LYS B 243 22.49 5.62 -13.53
CA LYS B 243 22.24 7.01 -13.22
C LYS B 243 21.38 7.67 -14.28
N HIS B 244 20.40 8.45 -13.84
CA HIS B 244 19.73 9.36 -14.76
C HIS B 244 20.70 10.47 -15.17
N SER B 245 20.34 11.19 -16.22
CA SER B 245 21.20 12.25 -16.75
C SER B 245 20.36 13.41 -17.22
N GLU B 246 20.46 14.54 -16.53
CA GLU B 246 19.80 15.76 -16.99
C GLU B 246 20.38 16.23 -18.31
N ALA B 247 21.71 16.10 -18.48
CA ALA B 247 22.33 16.53 -19.72
C ALA B 247 21.78 15.75 -20.91
N VAL B 248 21.60 14.44 -20.74
CA VAL B 248 21.03 13.62 -21.80
C VAL B 248 19.61 14.06 -22.14
N ILE B 249 18.81 14.39 -21.12
CA ILE B 249 17.45 14.88 -21.36
C ILE B 249 17.49 16.15 -22.21
N ALA B 250 18.37 17.09 -21.84
CA ALA B 250 18.45 18.34 -22.59
C ALA B 250 18.97 18.11 -24.00
N ALA B 251 19.95 17.22 -24.14
CA ALA B 251 20.47 16.92 -25.48
C ALA B 251 19.40 16.31 -26.36
N ALA B 252 18.60 15.38 -25.80
CA ALA B 252 17.48 14.82 -26.55
C ALA B 252 16.47 15.90 -26.91
N ALA B 253 16.23 16.84 -25.99
CA ALA B 253 15.29 17.93 -26.28
C ALA B 253 15.82 18.82 -27.39
N ARG B 254 17.13 19.09 -27.40
CA ARG B 254 17.72 19.89 -28.46
C ARG B 254 17.59 19.18 -29.81
N LEU B 255 17.85 17.87 -29.84
CA LEU B 255 17.67 17.11 -31.08
C LEU B 255 16.23 17.16 -31.55
N ALA B 256 15.27 17.10 -30.63
CA ALA B 256 13.87 17.14 -31.01
C ALA B 256 13.49 18.51 -31.59
N LEU B 257 13.92 19.59 -30.93
CA LEU B 257 13.57 20.92 -31.41
C LEU B 257 14.27 21.22 -32.74
N GLU B 258 15.52 20.79 -32.91
CA GLU B 258 16.15 20.78 -34.23
C GLU B 258 15.59 19.59 -35.00
N GLY B 259 14.37 19.73 -35.49
CA GLY B 259 13.79 18.63 -36.23
C GLY B 259 12.37 18.86 -36.70
N LEU B 260 11.73 19.92 -36.18
CA LEU B 260 10.37 20.25 -36.56
C LEU B 260 10.34 20.89 -37.94
C7 IM2 C . -8.85 -16.58 7.49
C2 IM2 C . -12.84 -15.44 7.28
C6 IM2 C . -9.74 -16.41 6.19
C5 IM2 C . -10.66 -15.34 6.38
C3 IM2 C . -11.85 -15.13 8.37
O7 IM2 C . -8.96 -17.59 8.09
C61 IM2 C . -8.82 -16.25 4.92
O62 IM2 C . -8.17 -15.02 4.90
C62 IM2 C . -9.63 -16.40 3.65
N4 IM2 C . -10.62 -14.97 7.90
C31 IM2 C . -12.13 -15.35 9.86
O31 IM2 C . -11.92 -16.47 10.40
O32 IM2 C . -12.57 -14.39 10.55
S21 IM2 C . -14.40 -14.51 7.24
C22 IM2 C . -15.62 -15.30 8.34
C23 IM2 C . -15.13 -16.70 8.74
N24 IM2 C . -16.04 -17.30 9.70
C25 IM2 C . -15.87 -17.15 11.14
N26 IM2 C . -14.91 -16.49 11.62
C1 IM2 C . -12.16 -15.76 6.12
C7 IM2 D . 9.73 13.13 -8.37
C2 IM2 D . 12.86 15.76 -7.69
C6 IM2 D . 10.62 13.20 -7.06
C5 IM2 D . 11.05 14.53 -6.83
C3 IM2 D . 11.62 16.03 -8.51
O7 IM2 D . 10.29 12.78 -9.36
C61 IM2 D . 9.83 12.74 -5.78
O62 IM2 D . 10.61 12.95 -4.64
C62 IM2 D . 9.51 11.27 -5.86
N4 IM2 D . 10.55 15.42 -8.01
C31 IM2 D . 11.68 16.35 -10.00
O31 IM2 D . 10.73 16.99 -10.52
O32 IM2 D . 12.66 15.98 -10.69
S21 IM2 D . 13.75 17.25 -7.13
C22 IM2 D . 15.43 17.29 -7.80
C23 IM2 D . 15.77 15.93 -8.41
N24 IM2 D . 17.09 16.01 -9.03
C25 IM2 D . 17.22 16.41 -10.42
N26 IM2 D . 18.35 16.46 -10.94
C1 IM2 D . 12.61 14.73 -6.81
#